data_3H0A
#
_entry.id   3H0A
#
_cell.length_a   179.258
_cell.length_b   53.825
_cell.length_c   67.108
_cell.angle_alpha   90.00
_cell.angle_beta   107.74
_cell.angle_gamma   90.00
#
_symmetry.space_group_name_H-M   'C 1 2 1'
#
loop_
_entity.id
_entity.type
_entity.pdbx_description
1 polymer 'Retinoic acid receptor RXR-alpha'
2 polymer 'Peroxisome proliferator-activated receptor gamma'
3 polymer 'Nuclear receptor coactivator 1, Co-activator Peptide'
4 non-polymer '4-[1-(3,5,5,8,8-pentamethyl-5,6,7,8-tetrahydronaphthalen-2-yl)ethenyl]benzoic acid'
5 non-polymer '[(4-{[2-(pent-2-yn-1-yloxy)-4-{[4-(trifluoromethyl)phenoxy]methyl}phenyl]sulfanyl}-5,6,7,8-tetrahydronaphthalen-1-yl)oxy]acetic acid'
6 water water
#
loop_
_entity_poly.entity_id
_entity_poly.type
_entity_poly.pdbx_seq_one_letter_code
_entity_poly.pdbx_strand_id
1 'polypeptide(L)'
;EDMPVERILEAELAVEPKTETYVEANMGLNPSSPNDPVTNICQAADKQLFTLVEWAKRIPHFSELPLDDQVILLRAGWNE
LLIASFSHRSIAVKDGILLATGLHVHRNSAHSAGVGAIFDRVLTELVSKMRDMQMDKTELGCLRAIVLFNPDSKGLSNPA
EVEALREKVYASLEAYCKHKYPEQPGRFAKLLLRLPALRSIGLKCLEHLFFFKLIGDTPIDTFLMEML
;
A
2 'polypeptide(L)'
;PESADLRALAKHLYDSYIKSFPLTKAKARAILTGKTTDKSPFVIYDMNSLMMGEDKIKFKHITPLQEQSKEVAIRIFQGC
QFRSVEAVQEITEYAKSIPGFVNLDLNDQVTLLKYGVHEIIYTMLASLMNKDGVLISEGQGFMTREFLKSLRKPFGDFME
PKFEFAVKFNALELDDSDLAIFIAVIILSGDRPGLLNVKPIEDIQDNLLQALELQLKLNHPESSQLFAKLLQKMTDLRQI
VTEHVQLLQVIKKTETDMSLHPLLQEIYKDLY
;
D
3 'polypeptide(L)' TSHKLVQLLTTT B,E
#
loop_
_chem_comp.id
_chem_comp.type
_chem_comp.name
_chem_comp.formula
9RA non-polymer '4-[1-(3,5,5,8,8-pentamethyl-5,6,7,8-tetrahydronaphthalen-2-yl)ethenyl]benzoic acid' 'C24 H28 O2'
D30 non-polymer '[(4-{[2-(pent-2-yn-1-yloxy)-4-{[4-(trifluoromethyl)phenoxy]methyl}phenyl]sulfanyl}-5,6,7,8-tetrahydronaphthalen-1-yl)oxy]acetic acid' 'C31 H29 F3 O5 S'
#
# COMPACT_ATOMS: atom_id res chain seq x y z
N GLU A 1 -18.90 1.35 -20.82
CA GLU A 1 -17.94 2.23 -21.54
C GLU A 1 -17.10 1.44 -22.56
N ASP A 2 -15.83 1.26 -22.20
CA ASP A 2 -14.89 0.43 -22.95
C ASP A 2 -14.74 -0.76 -22.04
N MET A 3 -15.51 -0.68 -20.96
CA MET A 3 -15.63 -1.60 -19.87
C MET A 3 -16.81 -1.01 -19.11
N PRO A 4 -17.95 -1.73 -19.05
CA PRO A 4 -19.13 -1.02 -18.62
C PRO A 4 -19.61 -1.39 -17.22
N VAL A 5 -19.84 -0.35 -16.41
CA VAL A 5 -20.29 -0.52 -15.05
C VAL A 5 -21.49 -1.45 -14.91
N GLU A 6 -22.09 -1.84 -16.03
CA GLU A 6 -23.27 -2.71 -16.00
C GLU A 6 -22.99 -4.15 -16.44
N ARG A 7 -22.21 -4.33 -17.50
CA ARG A 7 -21.79 -5.68 -17.84
C ARG A 7 -21.04 -6.15 -16.62
N ILE A 8 -20.78 -5.21 -15.71
CA ILE A 8 -20.02 -5.47 -14.48
C ILE A 8 -20.92 -5.58 -13.25
N LEU A 9 -22.10 -4.96 -13.32
CA LEU A 9 -23.06 -5.07 -12.22
C LEU A 9 -23.58 -6.48 -12.30
N GLU A 10 -23.60 -7.00 -13.53
CA GLU A 10 -24.01 -8.35 -13.78
C GLU A 10 -23.25 -9.31 -12.89
N ALA A 11 -21.95 -9.42 -13.13
CA ALA A 11 -21.15 -10.34 -12.37
C ALA A 11 -21.50 -10.20 -10.91
N GLU A 12 -21.81 -8.98 -10.48
CA GLU A 12 -22.17 -8.76 -9.08
C GLU A 12 -23.61 -9.17 -8.85
N LEU A 13 -24.51 -8.60 -9.66
CA LEU A 13 -25.94 -8.97 -9.63
C LEU A 13 -26.18 -10.28 -10.38
N ALA A 14 -25.31 -11.28 -10.16
CA ALA A 14 -25.44 -12.57 -10.82
C ALA A 14 -24.98 -13.72 -9.94
N VAL A 15 -23.82 -13.55 -9.31
CA VAL A 15 -23.26 -14.54 -8.41
C VAL A 15 -23.55 -14.07 -7.00
N GLU A 16 -24.78 -13.60 -6.79
CA GLU A 16 -25.29 -13.13 -5.49
C GLU A 16 -24.69 -13.80 -4.24
N ASN A 35 -19.21 -26.38 13.46
CA ASN A 35 -20.29 -25.44 13.83
C ASN A 35 -19.91 -24.48 14.96
N ASP A 36 -18.62 -24.46 15.30
CA ASP A 36 -18.01 -23.46 16.19
C ASP A 36 -17.57 -22.29 15.28
N PRO A 37 -17.64 -21.05 15.78
CA PRO A 37 -17.37 -19.87 14.96
C PRO A 37 -15.99 -20.01 14.34
N VAL A 38 -15.12 -20.71 15.05
CA VAL A 38 -13.76 -20.97 14.60
C VAL A 38 -13.76 -21.60 13.18
N THR A 39 -14.54 -22.66 12.99
CA THR A 39 -14.49 -23.39 11.72
C THR A 39 -15.56 -22.95 10.69
N ASN A 40 -16.68 -22.42 11.18
CA ASN A 40 -17.78 -21.94 10.33
C ASN A 40 -17.41 -20.96 9.19
N ILE A 41 -16.54 -20.01 9.50
CA ILE A 41 -16.08 -18.98 8.56
C ILE A 41 -15.40 -19.55 7.32
N CYS A 42 -14.30 -20.28 7.51
CA CYS A 42 -13.54 -20.80 6.37
C CYS A 42 -14.42 -21.73 5.52
N GLN A 43 -15.25 -22.50 6.20
CA GLN A 43 -16.35 -23.24 5.59
C GLN A 43 -17.12 -22.40 4.55
N ALA A 44 -17.67 -21.28 5.03
CA ALA A 44 -18.48 -20.38 4.20
C ALA A 44 -17.69 -19.88 2.98
N ALA A 45 -16.39 -19.62 3.17
CA ALA A 45 -15.50 -19.13 2.09
C ALA A 45 -15.10 -20.21 1.08
N ASP A 46 -15.01 -21.46 1.54
CA ASP A 46 -14.95 -22.56 0.62
C ASP A 46 -16.13 -22.36 -0.31
N LYS A 47 -17.32 -22.41 0.28
CA LYS A 47 -18.61 -22.25 -0.42
C LYS A 47 -18.66 -21.03 -1.35
N GLN A 48 -17.93 -19.98 -0.99
CA GLN A 48 -17.76 -18.80 -1.82
C GLN A 48 -16.81 -19.02 -3.02
N LEU A 49 -15.85 -19.91 -2.88
CA LEU A 49 -14.80 -20.07 -3.90
C LEU A 49 -15.34 -20.36 -5.30
N PHE A 50 -16.42 -21.11 -5.36
CA PHE A 50 -17.03 -21.51 -6.63
C PHE A 50 -17.81 -20.34 -7.26
N THR A 51 -18.30 -19.48 -6.37
CA THR A 51 -19.01 -18.25 -6.70
C THR A 51 -18.06 -17.29 -7.39
N LEU A 52 -16.86 -17.20 -6.83
CA LEU A 52 -15.78 -16.32 -7.28
C LEU A 52 -15.16 -16.90 -8.55
N VAL A 53 -15.49 -18.15 -8.82
CA VAL A 53 -15.15 -18.75 -10.08
C VAL A 53 -16.06 -18.02 -11.05
N GLU A 54 -17.34 -17.98 -10.67
CA GLU A 54 -18.41 -17.52 -11.54
C GLU A 54 -18.37 -16.02 -11.85
N TRP A 55 -18.20 -15.22 -10.81
CA TRP A 55 -18.20 -13.75 -10.92
C TRP A 55 -17.16 -13.10 -11.88
N ALA A 56 -15.98 -13.69 -12.01
CA ALA A 56 -14.98 -13.08 -12.84
C ALA A 56 -15.15 -13.48 -14.32
N LYS A 57 -16.20 -14.23 -14.60
CA LYS A 57 -16.41 -14.82 -15.92
C LYS A 57 -16.88 -13.77 -16.94
N ARG A 58 -17.81 -12.96 -16.45
CA ARG A 58 -18.45 -11.94 -17.23
C ARG A 58 -17.93 -10.56 -16.85
N ILE A 59 -16.67 -10.28 -17.24
CA ILE A 59 -16.04 -8.96 -17.12
C ILE A 59 -15.30 -8.62 -18.43
N PRO A 60 -15.74 -7.57 -19.11
CA PRO A 60 -15.36 -7.24 -20.50
C PRO A 60 -13.89 -7.49 -20.90
N HIS A 61 -13.71 -7.91 -22.15
CA HIS A 61 -12.40 -8.16 -22.72
C HIS A 61 -11.58 -9.15 -21.90
N PHE A 62 -12.19 -9.67 -20.85
CA PHE A 62 -11.54 -10.54 -19.89
C PHE A 62 -11.27 -11.95 -20.43
N SER A 63 -12.29 -12.54 -21.06
CA SER A 63 -12.19 -13.88 -21.66
C SER A 63 -11.40 -13.79 -22.97
N GLU A 64 -10.27 -13.10 -22.91
CA GLU A 64 -9.38 -13.00 -24.06
C GLU A 64 -7.94 -13.28 -23.65
N LEU A 65 -7.07 -13.45 -24.66
CA LEU A 65 -5.70 -13.88 -24.45
C LEU A 65 -5.65 -15.14 -23.57
N PRO A 66 -4.78 -15.15 -22.54
CA PRO A 66 -4.38 -16.25 -21.65
C PRO A 66 -5.42 -16.85 -20.73
N LEU A 67 -4.94 -17.88 -20.04
CA LEU A 67 -5.76 -18.79 -19.27
C LEU A 67 -5.12 -19.04 -17.90
N ASP A 68 -3.99 -19.75 -17.85
CA ASP A 68 -3.31 -19.95 -16.58
C ASP A 68 -3.25 -18.64 -15.79
N ASP A 69 -3.20 -17.52 -16.48
CA ASP A 69 -3.08 -16.32 -15.70
C ASP A 69 -4.41 -15.65 -15.32
N GLN A 70 -5.48 -16.00 -16.05
CA GLN A 70 -6.83 -15.77 -15.56
C GLN A 70 -7.07 -16.63 -14.30
N VAL A 71 -6.18 -17.61 -14.14
CA VAL A 71 -6.12 -18.45 -12.95
C VAL A 71 -5.23 -17.79 -11.89
N ILE A 72 -3.97 -17.61 -12.22
CA ILE A 72 -2.98 -17.06 -11.31
C ILE A 72 -3.55 -15.83 -10.62
N LEU A 73 -4.50 -15.20 -11.28
CA LEU A 73 -5.07 -13.95 -10.80
C LEU A 73 -6.05 -14.20 -9.61
N LEU A 74 -6.96 -15.18 -9.80
CA LEU A 74 -7.89 -15.60 -8.74
C LEU A 74 -7.23 -16.35 -7.58
N ARG A 75 -5.97 -16.76 -7.76
CA ARG A 75 -5.17 -17.33 -6.66
C ARG A 75 -4.48 -16.21 -5.90
N ALA A 76 -4.22 -15.10 -6.60
CA ALA A 76 -3.45 -13.95 -6.07
C ALA A 76 -4.20 -13.15 -4.98
N GLY A 77 -5.53 -13.14 -5.08
CA GLY A 77 -6.33 -12.41 -4.09
C GLY A 77 -7.76 -12.91 -4.11
N TRP A 78 -7.93 -14.22 -4.33
CA TRP A 78 -9.23 -14.84 -4.22
C TRP A 78 -9.82 -14.16 -2.98
N ASN A 79 -8.91 -13.81 -2.08
CA ASN A 79 -9.29 -13.55 -0.69
C ASN A 79 -9.72 -12.13 -0.41
N GLU A 80 -9.06 -11.16 -1.06
CA GLU A 80 -9.52 -9.77 -0.99
C GLU A 80 -10.85 -9.58 -1.71
N LEU A 81 -11.01 -10.24 -2.86
CA LEU A 81 -12.31 -10.20 -3.54
C LEU A 81 -13.38 -10.66 -2.54
N LEU A 82 -13.02 -11.75 -1.86
CA LEU A 82 -13.94 -12.48 -1.04
C LEU A 82 -14.16 -11.77 0.27
N ILE A 83 -13.23 -10.94 0.71
CA ILE A 83 -13.42 -10.17 1.94
C ILE A 83 -14.37 -9.00 1.74
N ALA A 84 -14.33 -8.43 0.53
CA ALA A 84 -15.17 -7.33 0.15
C ALA A 84 -16.60 -7.82 -0.01
N SER A 85 -16.76 -8.97 -0.66
CA SER A 85 -18.11 -9.52 -0.85
C SER A 85 -18.90 -9.56 0.46
N PHE A 86 -18.36 -10.22 1.49
CA PHE A 86 -19.08 -10.41 2.76
C PHE A 86 -19.12 -9.18 3.67
N SER A 87 -18.08 -8.35 3.58
CA SER A 87 -17.99 -7.12 4.39
C SER A 87 -19.08 -6.11 3.98
N HIS A 88 -19.16 -5.81 2.68
CA HIS A 88 -20.23 -5.01 2.12
C HIS A 88 -21.58 -5.59 2.56
N ARG A 89 -21.70 -6.92 2.40
CA ARG A 89 -22.85 -7.72 2.81
C ARG A 89 -23.21 -7.63 4.28
N SER A 90 -22.29 -7.12 5.07
CA SER A 90 -22.52 -7.01 6.50
C SER A 90 -22.69 -5.54 6.85
N ILE A 91 -23.15 -4.75 5.89
CA ILE A 91 -23.25 -3.31 6.12
C ILE A 91 -24.48 -3.07 6.96
N ALA A 92 -25.44 -4.00 6.83
CA ALA A 92 -26.72 -3.94 7.55
C ALA A 92 -26.71 -4.68 8.89
N VAL A 93 -25.52 -5.08 9.35
CA VAL A 93 -25.39 -5.77 10.64
C VAL A 93 -24.43 -5.09 11.61
N LYS A 94 -24.62 -5.35 12.90
CA LYS A 94 -23.99 -4.57 13.98
C LYS A 94 -22.99 -5.38 14.80
N ASP A 95 -21.71 -5.05 14.62
CA ASP A 95 -20.61 -5.68 15.33
C ASP A 95 -20.40 -7.15 14.88
N GLY A 96 -20.83 -7.48 13.66
CA GLY A 96 -20.72 -8.84 13.15
C GLY A 96 -20.96 -8.93 11.65
N ILE A 97 -20.70 -10.12 11.09
CA ILE A 97 -20.88 -10.36 9.67
C ILE A 97 -21.95 -11.40 9.35
N LEU A 98 -22.48 -11.31 8.13
CA LEU A 98 -23.33 -12.33 7.55
C LEU A 98 -22.43 -13.15 6.61
N LEU A 99 -22.30 -14.45 6.88
CA LEU A 99 -21.38 -15.27 6.12
C LEU A 99 -21.96 -15.64 4.75
N ALA A 100 -21.32 -16.58 4.08
CA ALA A 100 -21.83 -17.10 2.81
C ALA A 100 -23.13 -17.88 3.02
N THR A 101 -23.09 -18.79 4.01
CA THR A 101 -24.24 -19.65 4.32
C THR A 101 -25.42 -18.89 4.92
N GLY A 102 -25.15 -17.76 5.58
CA GLY A 102 -26.19 -16.95 6.19
C GLY A 102 -25.90 -16.73 7.66
N LEU A 103 -24.88 -17.41 8.17
CA LEU A 103 -24.54 -17.40 9.60
C LEU A 103 -24.19 -16.00 10.07
N HIS A 104 -23.90 -15.84 11.36
CA HIS A 104 -23.64 -14.51 11.93
C HIS A 104 -22.57 -14.47 13.00
N VAL A 105 -21.29 -14.51 12.60
CA VAL A 105 -20.22 -14.41 13.59
C VAL A 105 -20.19 -12.98 14.14
N HIS A 106 -21.01 -12.78 15.17
CA HIS A 106 -20.94 -11.57 15.96
C HIS A 106 -19.62 -11.61 16.69
N ARG A 107 -18.98 -10.45 16.73
CA ARG A 107 -17.58 -10.26 17.14
C ARG A 107 -17.16 -10.89 18.47
N ASN A 108 -18.13 -11.22 19.31
CA ASN A 108 -17.87 -11.88 20.58
C ASN A 108 -17.56 -13.36 20.43
N SER A 109 -18.16 -13.98 19.41
CA SER A 109 -17.83 -15.36 19.00
C SER A 109 -16.45 -15.41 18.34
N ALA A 110 -16.08 -14.30 17.71
CA ALA A 110 -14.78 -14.15 17.06
C ALA A 110 -13.70 -13.66 18.05
N HIS A 111 -14.10 -12.98 19.13
CA HIS A 111 -13.14 -12.56 20.15
C HIS A 111 -12.83 -13.69 21.13
N SER A 112 -13.77 -14.61 21.25
CA SER A 112 -13.56 -15.86 21.97
C SER A 112 -12.68 -16.82 21.14
N ALA A 113 -13.00 -16.94 19.84
CA ALA A 113 -12.37 -17.92 18.94
C ALA A 113 -10.89 -17.63 18.59
N GLY A 114 -10.31 -16.66 19.30
CA GLY A 114 -8.92 -16.27 19.11
C GLY A 114 -8.77 -15.13 18.10
N VAL A 115 -9.68 -15.11 17.12
CA VAL A 115 -9.54 -14.29 15.89
C VAL A 115 -10.23 -12.93 15.93
N GLY A 116 -10.45 -12.39 17.14
CA GLY A 116 -11.23 -11.18 17.30
C GLY A 116 -10.64 -9.91 16.67
N ALA A 117 -9.34 -9.72 16.84
CA ALA A 117 -8.60 -8.54 16.33
C ALA A 117 -8.69 -8.31 14.79
N ILE A 118 -8.15 -9.22 13.99
CA ILE A 118 -8.31 -9.12 12.54
C ILE A 118 -9.81 -8.96 12.18
N PHE A 119 -10.66 -9.19 13.18
CA PHE A 119 -12.11 -9.09 13.03
C PHE A 119 -12.62 -7.67 13.28
N ASP A 120 -12.17 -7.09 14.38
CA ASP A 120 -12.39 -5.70 14.68
C ASP A 120 -12.11 -4.82 13.45
N ARG A 121 -11.01 -5.10 12.75
CA ARG A 121 -10.56 -4.27 11.65
C ARG A 121 -11.47 -4.38 10.43
N VAL A 122 -11.98 -5.59 10.20
CA VAL A 122 -12.99 -5.88 9.18
C VAL A 122 -14.22 -5.02 9.37
N LEU A 123 -14.77 -5.05 10.57
CA LEU A 123 -15.92 -4.19 10.96
C LEU A 123 -15.66 -2.69 10.74
N THR A 124 -14.80 -2.13 11.58
CA THR A 124 -14.55 -0.69 11.55
C THR A 124 -13.74 -0.18 10.32
N GLU A 125 -12.81 -0.97 9.76
CA GLU A 125 -12.00 -0.47 8.63
C GLU A 125 -12.64 -0.68 7.25
N LEU A 126 -13.43 -1.74 7.10
CA LEU A 126 -14.08 -1.97 5.81
C LEU A 126 -15.56 -1.70 5.94
N VAL A 127 -16.24 -2.64 6.57
CA VAL A 127 -17.66 -2.56 6.77
C VAL A 127 -18.06 -1.13 7.16
N SER A 128 -17.55 -0.65 8.28
CA SER A 128 -18.01 0.64 8.78
C SER A 128 -17.74 1.74 7.76
N LYS A 129 -16.55 1.72 7.14
CA LYS A 129 -16.22 2.72 6.12
C LYS A 129 -17.08 2.60 4.86
N MET A 130 -17.47 1.38 4.50
CA MET A 130 -18.38 1.16 3.40
C MET A 130 -19.79 1.67 3.79
N ARG A 131 -20.20 1.30 5.01
CA ARG A 131 -21.40 1.84 5.59
C ARG A 131 -21.45 3.35 5.45
N ASP A 132 -20.49 4.02 6.09
CA ASP A 132 -20.48 5.49 6.30
C ASP A 132 -20.68 6.34 5.02
N MET A 133 -20.03 5.91 3.93
CA MET A 133 -20.07 6.61 2.66
C MET A 133 -21.24 6.13 1.81
N GLN A 134 -21.85 5.04 2.29
CA GLN A 134 -22.88 4.32 1.55
C GLN A 134 -22.37 3.79 0.20
N MET A 135 -21.33 2.96 0.23
CA MET A 135 -20.89 2.36 -1.03
C MET A 135 -22.02 1.52 -1.62
N ASP A 136 -22.10 1.50 -2.94
CA ASP A 136 -23.11 0.74 -3.61
C ASP A 136 -22.49 -0.46 -4.29
N LYS A 137 -23.30 -1.15 -5.05
CA LYS A 137 -22.99 -2.49 -5.51
C LYS A 137 -22.18 -2.53 -6.81
N THR A 138 -22.29 -1.47 -7.63
CA THR A 138 -21.57 -1.40 -8.91
C THR A 138 -20.12 -1.02 -8.73
N GLU A 139 -19.84 -0.13 -7.76
CA GLU A 139 -18.46 0.12 -7.41
C GLU A 139 -17.82 -1.11 -6.76
N LEU A 140 -18.60 -1.81 -5.92
CA LEU A 140 -18.08 -3.03 -5.31
C LEU A 140 -17.41 -3.88 -6.39
N GLY A 141 -18.01 -3.93 -7.57
CA GLY A 141 -17.53 -4.83 -8.62
C GLY A 141 -16.54 -4.18 -9.55
N CYS A 142 -16.40 -2.88 -9.42
CA CYS A 142 -15.31 -2.22 -10.14
C CYS A 142 -14.07 -2.30 -9.23
N LEU A 143 -14.28 -2.13 -7.93
CA LEU A 143 -13.19 -2.39 -6.99
C LEU A 143 -12.61 -3.76 -7.24
N ARG A 144 -13.42 -4.78 -6.88
CA ARG A 144 -13.08 -6.21 -7.10
C ARG A 144 -12.72 -6.53 -8.55
N ALA A 145 -12.75 -5.55 -9.44
CA ALA A 145 -12.38 -5.79 -10.85
C ALA A 145 -11.02 -5.16 -11.22
N ILE A 146 -10.61 -4.19 -10.40
CA ILE A 146 -9.26 -3.66 -10.46
C ILE A 146 -8.41 -4.54 -9.52
N VAL A 147 -8.97 -4.87 -8.36
CA VAL A 147 -8.36 -5.83 -7.43
C VAL A 147 -8.10 -7.11 -8.15
N LEU A 148 -8.79 -7.33 -9.26
CA LEU A 148 -8.64 -8.58 -9.98
C LEU A 148 -7.61 -8.40 -11.08
N PHE A 149 -7.79 -7.32 -11.83
CA PHE A 149 -6.88 -6.96 -12.91
C PHE A 149 -5.57 -6.47 -12.28
N ASN A 150 -5.02 -7.29 -11.38
CA ASN A 150 -3.70 -7.03 -10.78
C ASN A 150 -2.51 -7.61 -11.55
N PRO A 151 -1.81 -6.79 -12.35
CA PRO A 151 -0.75 -7.25 -13.27
C PRO A 151 0.62 -7.37 -12.58
N ASP A 152 0.62 -7.21 -11.26
CA ASP A 152 1.82 -7.46 -10.45
C ASP A 152 1.88 -8.94 -10.07
N SER A 153 1.00 -9.73 -10.70
CA SER A 153 1.02 -11.19 -10.65
C SER A 153 2.11 -11.70 -11.58
N LYS A 154 2.79 -12.75 -11.15
CA LYS A 154 3.94 -13.32 -11.88
C LYS A 154 3.60 -14.15 -13.14
N GLY A 155 4.02 -13.64 -14.30
CA GLY A 155 3.82 -14.30 -15.59
C GLY A 155 2.62 -13.79 -16.36
N LEU A 156 2.85 -13.32 -17.59
CA LEU A 156 1.79 -12.77 -18.47
C LEU A 156 2.27 -12.75 -19.91
N SER A 157 1.39 -12.99 -20.88
CA SER A 157 1.80 -12.77 -22.27
C SER A 157 2.17 -11.29 -22.55
N ASN A 158 1.24 -10.38 -22.26
CA ASN A 158 1.54 -8.94 -22.28
C ASN A 158 1.44 -8.47 -20.85
N PRO A 159 2.35 -7.57 -20.45
CA PRO A 159 2.27 -6.93 -19.14
C PRO A 159 1.04 -6.00 -19.07
N ALA A 160 0.99 -5.02 -19.98
CA ALA A 160 -0.13 -4.08 -20.07
C ALA A 160 -1.43 -4.78 -20.51
N GLU A 161 -1.62 -5.99 -20.04
CA GLU A 161 -2.82 -6.73 -20.38
C GLU A 161 -3.79 -6.49 -19.26
N VAL A 162 -3.46 -7.02 -18.08
CA VAL A 162 -4.28 -6.83 -16.89
C VAL A 162 -4.26 -5.36 -16.47
N GLU A 163 -3.53 -4.56 -17.27
CA GLU A 163 -3.22 -3.16 -16.97
C GLU A 163 -4.06 -2.21 -17.80
N ALA A 164 -3.74 -2.12 -19.09
CA ALA A 164 -4.54 -1.28 -20.02
C ALA A 164 -6.02 -1.56 -19.91
N LEU A 165 -6.37 -2.75 -19.46
CA LEU A 165 -7.76 -3.09 -19.23
C LEU A 165 -8.14 -2.70 -17.81
N ARG A 166 -7.21 -2.76 -16.88
CA ARG A 166 -7.50 -2.23 -15.54
C ARG A 166 -7.64 -0.72 -15.59
N GLU A 167 -6.97 -0.10 -16.55
CA GLU A 167 -7.07 1.33 -16.73
C GLU A 167 -8.49 1.70 -17.22
N LYS A 168 -9.04 0.87 -18.12
CA LYS A 168 -10.45 0.95 -18.56
C LYS A 168 -11.43 0.93 -17.38
N VAL A 169 -11.18 0.09 -16.40
CA VAL A 169 -12.01 0.04 -15.21
C VAL A 169 -11.90 1.38 -14.47
N TYR A 170 -10.68 1.91 -14.38
CA TYR A 170 -10.45 3.18 -13.69
C TYR A 170 -11.36 4.18 -14.38
N ALA A 171 -11.19 4.32 -15.70
CA ALA A 171 -11.92 5.24 -16.55
C ALA A 171 -13.41 5.14 -16.35
N SER A 172 -13.95 3.94 -16.50
CA SER A 172 -15.38 3.76 -16.34
C SER A 172 -15.77 3.93 -14.91
N LEU A 173 -15.04 3.34 -13.97
CA LEU A 173 -15.39 3.53 -12.58
C LEU A 173 -15.49 4.99 -12.25
N GLU A 174 -14.54 5.78 -12.74
CA GLU A 174 -14.54 7.21 -12.51
C GLU A 174 -15.80 7.88 -13.10
N ALA A 175 -16.14 7.50 -14.33
CA ALA A 175 -17.34 7.98 -15.02
C ALA A 175 -18.59 7.67 -14.24
N TYR A 176 -18.83 6.39 -13.98
CA TYR A 176 -19.93 6.03 -13.08
C TYR A 176 -20.01 6.88 -11.81
N CYS A 177 -18.90 7.07 -11.12
CA CYS A 177 -18.96 7.82 -9.86
C CYS A 177 -19.46 9.27 -10.04
N LYS A 178 -19.04 9.92 -11.11
CA LYS A 178 -19.40 11.31 -11.31
C LYS A 178 -20.83 11.46 -11.77
N HIS A 179 -21.25 10.60 -12.71
CA HIS A 179 -22.63 10.52 -13.10
C HIS A 179 -23.55 10.19 -11.90
N LYS A 180 -23.22 9.14 -11.15
CA LYS A 180 -24.10 8.72 -10.08
C LYS A 180 -24.06 9.64 -8.87
N TYR A 181 -22.88 10.14 -8.51
CA TYR A 181 -22.74 10.94 -7.29
C TYR A 181 -22.17 12.34 -7.45
N PRO A 182 -22.80 13.18 -8.27
CA PRO A 182 -22.20 14.49 -8.61
C PRO A 182 -21.90 15.41 -7.42
N GLU A 183 -22.55 15.17 -6.27
CA GLU A 183 -22.36 16.02 -5.09
C GLU A 183 -21.25 15.49 -4.20
N GLN A 184 -20.42 14.61 -4.75
CA GLN A 184 -19.28 14.02 -4.05
C GLN A 184 -18.12 13.86 -5.02
N PRO A 185 -17.30 14.90 -5.15
CA PRO A 185 -16.30 14.70 -6.17
C PRO A 185 -15.19 13.82 -5.59
N GLY A 186 -15.20 13.67 -4.26
CA GLY A 186 -14.15 12.93 -3.60
C GLY A 186 -14.39 11.44 -3.49
N ARG A 187 -15.45 10.96 -4.12
CA ARG A 187 -15.82 9.54 -3.99
C ARG A 187 -14.92 8.56 -4.76
N PHE A 188 -14.59 8.85 -6.01
CA PHE A 188 -13.72 7.96 -6.79
C PHE A 188 -12.45 7.52 -6.01
N ALA A 189 -11.81 8.48 -5.35
CA ALA A 189 -10.54 8.24 -4.66
C ALA A 189 -10.74 7.40 -3.42
N LYS A 190 -11.91 7.55 -2.77
CA LYS A 190 -12.27 6.71 -1.61
C LYS A 190 -12.38 5.22 -1.99
N LEU A 191 -13.16 4.95 -3.03
CA LEU A 191 -13.23 3.60 -3.52
C LEU A 191 -11.82 3.11 -3.54
N LEU A 192 -10.99 3.77 -4.32
CA LEU A 192 -9.61 3.32 -4.47
C LEU A 192 -8.84 3.26 -3.15
N LEU A 193 -9.15 4.19 -2.23
CA LEU A 193 -8.57 4.22 -0.87
C LEU A 193 -9.23 3.27 0.16
N ARG A 194 -10.32 2.63 -0.22
CA ARG A 194 -10.80 1.44 0.52
C ARG A 194 -9.94 0.22 0.19
N LEU A 195 -9.20 0.28 -0.90
CA LEU A 195 -8.40 -0.87 -1.35
C LEU A 195 -7.19 -1.29 -0.48
N PRO A 196 -6.37 -0.32 0.01
CA PRO A 196 -5.24 -0.70 0.85
C PRO A 196 -5.65 -1.49 2.11
N ALA A 197 -6.39 -0.87 3.03
CA ALA A 197 -6.81 -1.54 4.29
C ALA A 197 -7.37 -2.96 4.03
N LEU A 198 -7.86 -3.18 2.82
CA LEU A 198 -8.18 -4.52 2.41
C LEU A 198 -6.87 -5.27 2.18
N ARG A 199 -5.94 -4.64 1.49
CA ARG A 199 -4.61 -5.26 1.27
C ARG A 199 -4.10 -5.93 2.57
N SER A 200 -3.98 -5.13 3.62
CA SER A 200 -3.32 -5.51 4.87
C SER A 200 -4.17 -6.51 5.63
N ILE A 201 -5.42 -6.62 5.18
CA ILE A 201 -6.43 -7.45 5.81
C ILE A 201 -6.57 -8.71 4.99
N GLY A 202 -6.15 -8.67 3.74
CA GLY A 202 -6.06 -9.88 2.95
C GLY A 202 -4.86 -10.58 3.52
N LEU A 203 -3.79 -9.81 3.75
CA LEU A 203 -2.53 -10.37 4.24
C LEU A 203 -2.68 -11.27 5.48
N LYS A 204 -3.05 -10.63 6.59
CA LYS A 204 -3.17 -11.29 7.88
C LYS A 204 -4.40 -12.16 7.94
N CYS A 205 -5.35 -11.98 7.04
CA CYS A 205 -6.34 -13.01 6.99
C CYS A 205 -5.56 -14.22 6.56
N LEU A 206 -4.83 -14.09 5.46
CA LEU A 206 -4.07 -15.21 4.94
C LEU A 206 -3.12 -15.78 6.01
N GLU A 207 -2.21 -14.96 6.52
CA GLU A 207 -1.33 -15.34 7.64
C GLU A 207 -2.05 -16.27 8.64
N HIS A 208 -3.29 -15.93 8.95
CA HIS A 208 -4.10 -16.73 9.85
C HIS A 208 -4.45 -18.13 9.30
N LEU A 209 -5.00 -18.16 8.08
CA LEU A 209 -5.41 -19.43 7.49
C LEU A 209 -4.28 -20.48 7.52
N PHE A 210 -3.07 -20.07 7.17
CA PHE A 210 -1.90 -20.94 7.24
C PHE A 210 -1.70 -21.54 8.65
N PHE A 211 -1.95 -20.72 9.67
CA PHE A 211 -1.78 -21.12 11.09
C PHE A 211 -2.84 -22.15 11.54
N PHE A 212 -4.08 -21.95 11.11
CA PHE A 212 -5.16 -22.88 11.40
C PHE A 212 -5.01 -24.13 10.51
N LYS A 213 -3.98 -24.14 9.66
CA LYS A 213 -3.87 -25.11 8.54
C LYS A 213 -2.91 -26.31 8.73
N LEU A 214 -1.64 -26.12 8.37
CA LEU A 214 -0.68 -27.23 8.39
C LEU A 214 -0.09 -27.37 9.80
N ILE A 215 -1.02 -27.38 10.77
CA ILE A 215 -0.71 -27.55 12.17
C ILE A 215 -1.80 -28.45 12.76
N GLY A 216 -3.03 -28.19 12.34
CA GLY A 216 -4.14 -29.10 12.60
C GLY A 216 -5.34 -28.41 13.21
N ASP A 217 -6.41 -29.19 13.39
CA ASP A 217 -7.53 -28.81 14.25
C ASP A 217 -8.75 -28.14 13.61
N THR A 218 -8.65 -27.64 12.38
CA THR A 218 -9.85 -26.99 11.88
C THR A 218 -10.42 -27.57 10.61
N PRO A 219 -11.75 -27.64 10.56
CA PRO A 219 -12.50 -28.06 9.38
C PRO A 219 -12.01 -27.26 8.16
N ILE A 220 -11.02 -27.79 7.48
CA ILE A 220 -10.46 -27.15 6.31
C ILE A 220 -11.27 -27.78 5.20
N ASP A 221 -11.61 -27.01 4.17
CA ASP A 221 -12.49 -27.49 3.12
C ASP A 221 -11.69 -27.71 1.84
N THR A 222 -12.18 -28.52 0.91
CA THR A 222 -11.33 -29.00 -0.19
C THR A 222 -10.75 -27.91 -1.08
N PHE A 223 -11.50 -26.81 -1.20
CA PHE A 223 -11.23 -25.71 -2.14
C PHE A 223 -10.33 -24.64 -1.51
N LEU A 224 -10.78 -24.15 -0.37
CA LEU A 224 -9.93 -23.33 0.46
C LEU A 224 -8.51 -23.84 0.35
N MET A 225 -8.37 -25.14 0.67
CA MET A 225 -7.12 -25.87 0.57
C MET A 225 -6.31 -25.63 -0.70
N GLU A 226 -6.96 -25.53 -1.86
CA GLU A 226 -6.25 -25.46 -3.15
C GLU A 226 -4.94 -24.66 -3.17
N MET A 227 -4.29 -24.56 -2.01
CA MET A 227 -2.90 -24.04 -1.74
C MET A 227 -3.00 -23.02 -0.57
N LEU A 228 -2.08 -23.10 0.40
CA LEU A 228 -2.08 -22.26 1.63
C LEU A 228 -1.92 -23.07 2.92
N PRO B 1 -10.61 30.01 -8.67
CA PRO B 1 -11.68 30.06 -7.62
C PRO B 1 -11.29 29.09 -6.48
N GLU B 2 -12.06 28.04 -6.28
CA GLU B 2 -11.46 26.95 -5.59
C GLU B 2 -10.25 26.39 -6.38
N SER B 3 -10.32 26.37 -7.73
CA SER B 3 -9.18 25.89 -8.52
C SER B 3 -7.89 26.62 -8.17
N ALA B 4 -7.97 27.94 -8.02
CA ALA B 4 -6.81 28.74 -7.73
C ALA B 4 -6.28 28.41 -6.36
N ASP B 5 -7.18 28.03 -5.47
CA ASP B 5 -6.85 27.69 -4.09
C ASP B 5 -6.04 26.39 -4.14
N LEU B 6 -6.55 25.40 -4.87
CA LEU B 6 -5.87 24.15 -5.19
C LEU B 6 -4.52 24.28 -5.83
N ARG B 7 -4.32 25.30 -6.62
CA ARG B 7 -3.01 25.50 -7.22
C ARG B 7 -2.10 26.06 -6.19
N ALA B 8 -2.63 26.97 -5.36
CA ALA B 8 -1.91 27.63 -4.28
C ALA B 8 -1.32 26.67 -3.20
N LEU B 9 -2.19 25.85 -2.69
CA LEU B 9 -1.85 24.71 -1.87
C LEU B 9 -0.88 23.81 -2.59
N ALA B 10 -1.04 23.57 -3.89
CA ALA B 10 -0.07 22.69 -4.56
C ALA B 10 1.29 23.31 -4.53
N LYS B 11 1.35 24.67 -4.59
CA LYS B 11 2.67 25.38 -4.64
C LYS B 11 3.27 25.50 -3.26
N HIS B 12 2.43 25.84 -2.29
CA HIS B 12 2.81 25.79 -0.87
C HIS B 12 3.52 24.52 -0.58
N LEU B 13 2.95 23.41 -0.97
CA LEU B 13 3.40 22.10 -0.52
C LEU B 13 4.69 21.74 -1.24
N TYR B 14 4.82 22.21 -2.46
CA TYR B 14 6.05 22.04 -3.24
C TYR B 14 7.22 22.85 -2.70
N ASP B 15 7.08 24.17 -2.60
CA ASP B 15 8.05 24.96 -1.87
C ASP B 15 8.59 24.36 -0.53
N SER B 16 7.67 23.88 0.29
CA SER B 16 7.91 23.23 1.59
C SER B 16 8.68 21.91 1.44
N TYR B 17 8.28 21.11 0.48
CA TYR B 17 8.97 19.88 0.09
C TYR B 17 10.39 20.22 -0.26
N ILE B 18 10.54 21.16 -1.16
CA ILE B 18 11.84 21.61 -1.53
C ILE B 18 12.54 22.06 -0.24
N LYS B 19 11.85 22.64 0.70
CA LYS B 19 12.60 23.15 1.88
C LYS B 19 12.98 22.05 2.84
N SER B 20 12.20 20.98 2.86
CA SER B 20 12.37 19.96 3.90
C SER B 20 13.26 18.80 3.50
N PHE B 21 13.53 18.68 2.23
CA PHE B 21 14.16 17.51 1.72
C PHE B 21 15.36 17.91 0.91
N PRO B 22 16.56 17.69 1.46
CA PRO B 22 17.81 18.15 0.85
C PRO B 22 18.00 17.57 -0.57
N LEU B 23 17.49 16.36 -0.82
CA LEU B 23 17.77 15.72 -2.07
C LEU B 23 16.48 15.31 -2.84
N THR B 24 16.24 16.01 -3.95
CA THR B 24 14.97 16.06 -4.66
C THR B 24 15.06 15.02 -5.76
N LYS B 25 13.95 14.65 -6.38
CA LYS B 25 14.02 13.76 -7.52
C LYS B 25 14.81 14.42 -8.65
N ALA B 26 14.54 15.68 -8.94
CA ALA B 26 15.29 16.44 -9.97
C ALA B 26 16.82 16.28 -9.97
N LYS B 27 17.39 16.57 -8.81
CA LYS B 27 18.78 16.26 -8.52
C LYS B 27 19.17 14.77 -8.53
N ALA B 28 18.30 13.92 -8.03
CA ALA B 28 18.69 12.51 -7.98
C ALA B 28 18.85 12.04 -9.39
N ARG B 29 17.88 12.36 -10.23
CA ARG B 29 17.84 11.93 -11.63
C ARG B 29 19.03 12.56 -12.41
N ALA B 30 19.32 13.82 -12.18
CA ALA B 30 20.51 14.43 -12.82
C ALA B 30 21.79 13.70 -12.47
N ILE B 31 21.90 13.13 -11.27
CA ILE B 31 23.11 12.39 -10.86
C ILE B 31 23.08 11.04 -11.50
N LEU B 32 22.00 10.29 -11.27
CA LEU B 32 21.84 9.00 -11.88
C LEU B 32 22.22 8.96 -13.32
N THR B 33 21.86 9.98 -14.10
CA THR B 33 22.05 9.95 -15.58
C THR B 33 23.28 10.75 -15.93
N GLY B 34 24.02 11.13 -14.92
CA GLY B 34 25.23 11.91 -15.13
C GLY B 34 25.01 13.16 -15.96
N LYS B 35 23.94 13.90 -15.68
CA LYS B 35 23.69 15.14 -16.39
C LYS B 35 24.13 16.29 -15.46
N THR B 36 25.30 16.14 -14.87
CA THR B 36 25.76 17.08 -13.86
C THR B 36 27.26 17.45 -13.97
N THR B 37 27.68 18.46 -13.19
CA THR B 37 29.09 18.92 -13.11
C THR B 37 29.90 18.22 -12.02
N ASP B 38 29.29 18.01 -10.86
CA ASP B 38 29.96 17.32 -9.77
C ASP B 38 30.48 15.98 -10.29
N LYS B 39 31.60 15.52 -9.74
CA LYS B 39 32.09 14.21 -10.10
C LYS B 39 30.97 13.22 -9.82
N SER B 40 31.09 12.07 -10.47
CA SER B 40 30.11 11.01 -10.38
C SER B 40 30.11 10.28 -9.03
N PRO B 41 28.98 9.60 -8.73
CA PRO B 41 28.97 8.81 -7.50
C PRO B 41 30.09 7.78 -7.47
N PHE B 42 30.69 7.60 -6.30
CA PHE B 42 31.59 6.50 -6.02
C PHE B 42 30.74 5.26 -5.89
N VAL B 43 31.05 4.25 -6.70
CA VAL B 43 30.25 3.02 -6.83
C VAL B 43 30.68 1.82 -5.93
N ILE B 44 29.82 1.47 -4.98
CA ILE B 44 30.04 0.29 -4.16
C ILE B 44 29.31 -0.84 -4.87
N TYR B 45 30.09 -1.76 -5.49
CA TYR B 45 29.56 -3.00 -6.09
C TYR B 45 30.12 -4.27 -5.40
N ASP B 46 31.19 -4.11 -4.62
CA ASP B 46 31.70 -5.27 -3.90
C ASP B 46 32.37 -4.93 -2.60
N MET B 47 32.88 -5.96 -1.89
CA MET B 47 33.49 -5.71 -0.61
C MET B 47 34.76 -4.89 -0.73
N ASN B 48 35.50 -5.06 -1.82
CA ASN B 48 36.66 -4.18 -2.04
C ASN B 48 36.32 -2.69 -2.19
N SER B 49 35.34 -2.43 -3.08
CA SER B 49 34.74 -1.10 -3.27
C SER B 49 34.14 -0.54 -1.96
N LEU B 50 33.31 -1.34 -1.29
CA LEU B 50 32.83 -0.96 0.04
C LEU B 50 33.93 -0.38 0.91
N MET B 51 35.09 -1.05 0.92
CA MET B 51 36.21 -0.65 1.78
C MET B 51 36.83 0.73 1.49
N MET B 52 37.11 1.03 0.23
CA MET B 52 37.74 2.31 -0.09
C MET B 52 36.79 3.51 -0.03
N GLY B 53 35.59 3.31 -0.55
CA GLY B 53 34.62 4.38 -0.58
C GLY B 53 34.02 4.59 0.79
N GLU B 54 34.21 3.62 1.68
CA GLU B 54 33.72 3.71 3.05
C GLU B 54 34.04 5.02 3.73
N ASP B 55 35.30 5.43 3.65
CA ASP B 55 35.78 6.57 4.39
C ASP B 55 34.94 7.84 4.11
N LYS B 56 34.91 8.26 2.85
CA LYS B 56 34.21 9.50 2.46
C LYS B 56 32.70 9.33 2.36
N ILE B 57 32.02 9.33 3.51
CA ILE B 57 30.63 8.92 3.51
C ILE B 57 29.86 9.47 4.72
N LYS B 58 28.58 9.79 4.53
CA LYS B 58 27.67 10.10 5.65
C LYS B 58 27.69 8.97 6.69
N GLN B 66 29.88 5.92 15.36
CA GLN B 66 29.38 5.39 16.64
C GLN B 66 30.12 4.08 16.96
N GLU B 67 29.37 2.96 16.90
CA GLU B 67 29.93 1.61 16.96
C GLU B 67 30.02 0.99 15.56
N GLN B 68 31.09 1.39 14.88
CA GLN B 68 31.42 0.94 13.55
C GLN B 68 32.43 -0.19 13.61
N SER B 69 32.48 -0.86 14.75
CA SER B 69 33.17 -2.15 14.91
C SER B 69 32.25 -3.34 14.65
N LYS B 70 31.23 -3.16 13.83
CA LYS B 70 30.28 -4.23 13.55
C LYS B 70 30.63 -4.77 12.18
N GLU B 71 30.12 -5.95 11.81
CA GLU B 71 30.36 -6.50 10.53
C GLU B 71 29.76 -5.51 9.52
N VAL B 72 29.83 -5.85 8.25
CA VAL B 72 29.61 -4.84 7.25
C VAL B 72 28.14 -4.71 6.98
N ALA B 73 27.40 -5.80 7.06
CA ALA B 73 25.96 -5.75 6.86
C ALA B 73 25.22 -4.92 7.96
N ILE B 74 25.65 -5.10 9.18
CA ILE B 74 25.11 -4.40 10.28
C ILE B 74 25.45 -2.87 10.20
N ARG B 75 26.63 -2.55 9.69
CA ARG B 75 27.05 -1.13 9.55
C ARG B 75 26.34 -0.47 8.38
N ILE B 76 26.13 -1.23 7.30
CA ILE B 76 25.18 -0.79 6.27
C ILE B 76 23.73 -0.60 6.84
N PHE B 77 23.12 -1.65 7.40
CA PHE B 77 21.86 -1.53 8.11
C PHE B 77 21.67 -0.33 9.07
N GLN B 78 22.64 -0.11 9.96
CA GLN B 78 22.64 1.04 10.86
C GLN B 78 22.95 2.38 10.23
N GLY B 79 23.74 2.38 9.16
CA GLY B 79 23.86 3.55 8.28
C GLY B 79 22.47 3.88 7.74
N CYS B 80 21.73 2.86 7.36
CA CYS B 80 20.42 3.07 6.81
C CYS B 80 19.50 3.67 7.86
N GLN B 81 19.51 3.07 9.05
CA GLN B 81 18.55 3.40 10.02
C GLN B 81 18.75 4.78 10.57
N PHE B 82 20.00 5.22 10.67
CA PHE B 82 20.31 6.56 11.09
C PHE B 82 19.88 7.61 10.06
N ARG B 83 20.05 7.33 8.78
CA ARG B 83 19.48 8.19 7.78
C ARG B 83 17.94 8.27 7.92
N SER B 84 17.28 7.19 8.35
CA SER B 84 15.85 7.17 8.54
C SER B 84 15.47 8.10 9.64
N VAL B 85 16.22 8.08 10.73
CA VAL B 85 15.97 8.98 11.80
C VAL B 85 16.00 10.44 11.34
N GLU B 86 16.99 10.84 10.57
CA GLU B 86 17.00 12.16 10.01
C GLU B 86 15.77 12.36 9.12
N ALA B 87 15.47 11.39 8.27
CA ALA B 87 14.24 11.40 7.46
C ALA B 87 12.91 11.49 8.24
N VAL B 88 12.83 10.89 9.43
CA VAL B 88 11.59 10.97 10.22
C VAL B 88 11.42 12.42 10.63
N GLN B 89 12.55 13.11 10.87
CA GLN B 89 12.53 14.52 11.25
C GLN B 89 12.19 15.43 10.06
N GLU B 90 12.82 15.25 8.92
CA GLU B 90 12.46 16.03 7.72
C GLU B 90 11.02 15.90 7.36
N ILE B 91 10.47 14.73 7.60
CA ILE B 91 9.10 14.54 7.27
C ILE B 91 8.13 15.15 8.26
N THR B 92 8.39 15.01 9.56
CA THR B 92 7.62 15.74 10.58
C THR B 92 7.53 17.23 10.23
N GLU B 93 8.65 17.82 9.82
CA GLU B 93 8.71 19.28 9.60
C GLU B 93 7.83 19.56 8.39
N TYR B 94 7.74 18.60 7.48
CA TYR B 94 6.92 18.80 6.30
C TYR B 94 5.44 18.61 6.62
N ALA B 95 5.11 17.56 7.40
CA ALA B 95 3.77 17.35 7.86
C ALA B 95 3.35 18.68 8.44
N LYS B 96 4.18 19.24 9.29
CA LYS B 96 3.77 20.47 9.92
C LYS B 96 3.38 21.50 8.88
N SER B 97 3.91 21.44 7.65
CA SER B 97 3.64 22.58 6.75
C SER B 97 2.35 22.39 6.10
N ILE B 98 1.70 21.23 6.37
CA ILE B 98 0.49 20.96 5.62
C ILE B 98 -0.64 21.76 6.35
N PRO B 99 -1.43 22.54 5.60
CA PRO B 99 -2.38 23.39 6.31
C PRO B 99 -3.33 22.58 7.10
N GLY B 100 -3.56 22.88 8.42
CA GLY B 100 -4.56 22.07 9.18
C GLY B 100 -3.81 21.08 10.04
N PHE B 101 -2.70 20.55 9.55
CA PHE B 101 -2.12 19.44 10.20
C PHE B 101 -1.92 19.71 11.73
N VAL B 102 -1.37 20.88 12.05
CA VAL B 102 -0.86 21.09 13.38
C VAL B 102 -1.97 21.46 14.29
N ASN B 103 -3.16 21.60 13.71
CA ASN B 103 -4.36 21.84 14.52
C ASN B 103 -5.04 20.52 14.91
N LEU B 104 -4.63 19.42 14.30
CA LEU B 104 -5.24 18.05 14.63
C LEU B 104 -4.88 17.71 16.06
N ASP B 105 -5.69 16.88 16.74
CA ASP B 105 -5.33 16.34 18.03
C ASP B 105 -3.89 15.88 17.90
N LEU B 106 -3.04 16.30 18.83
CA LEU B 106 -1.67 15.94 18.81
C LEU B 106 -1.42 14.44 18.92
N ASN B 107 -2.35 13.70 19.48
CA ASN B 107 -2.19 12.29 19.57
C ASN B 107 -2.41 11.74 18.18
N ASP B 108 -3.25 12.39 17.40
CA ASP B 108 -3.41 12.06 16.00
C ASP B 108 -2.24 12.49 15.12
N GLN B 109 -1.58 13.59 15.44
CA GLN B 109 -0.48 13.92 14.62
C GLN B 109 0.54 12.85 14.85
N VAL B 110 0.83 12.49 16.09
CA VAL B 110 1.72 11.35 16.40
C VAL B 110 1.37 10.05 15.68
N THR B 111 0.17 9.58 15.88
CA THR B 111 -0.23 8.42 15.10
C THR B 111 -0.03 8.49 13.58
N LEU B 112 -0.41 9.57 12.93
CA LEU B 112 -0.38 9.62 11.48
C LEU B 112 1.09 9.53 11.02
N LEU B 113 1.98 10.09 11.83
CA LEU B 113 3.39 9.98 11.59
C LEU B 113 3.92 8.57 11.93
N LYS B 114 3.63 8.05 13.11
CA LYS B 114 3.96 6.65 13.42
C LYS B 114 3.75 5.70 12.22
N TYR B 115 2.52 5.67 11.70
CA TYR B 115 2.16 4.74 10.62
C TYR B 115 2.51 5.20 9.22
N GLY B 116 2.92 6.47 9.12
CA GLY B 116 2.99 7.10 7.82
C GLY B 116 4.39 7.23 7.29
N VAL B 117 5.39 7.47 8.15
CA VAL B 117 6.74 7.74 7.70
C VAL B 117 7.44 6.68 6.85
N HIS B 118 7.10 5.41 7.01
CA HIS B 118 7.76 4.35 6.21
C HIS B 118 7.20 4.30 4.84
N GLU B 119 5.91 4.56 4.74
CA GLU B 119 5.31 4.69 3.41
C GLU B 119 5.93 5.86 2.66
N ILE B 120 6.20 6.94 3.37
CA ILE B 120 6.84 8.19 2.79
C ILE B 120 8.32 8.01 2.48
N ILE B 121 8.99 7.33 3.37
CA ILE B 121 10.36 7.02 3.12
C ILE B 121 10.56 6.23 1.86
N TYR B 122 9.87 5.10 1.71
CA TYR B 122 10.11 4.30 0.47
C TYR B 122 9.50 4.88 -0.80
N THR B 123 8.53 5.79 -0.64
CA THR B 123 8.02 6.46 -1.82
C THR B 123 9.14 7.35 -2.33
N MET B 124 9.70 8.14 -1.44
CA MET B 124 10.67 9.16 -1.84
C MET B 124 12.02 8.53 -2.20
N LEU B 125 12.27 7.32 -1.75
CA LEU B 125 13.57 6.71 -1.98
C LEU B 125 13.60 6.11 -3.37
N ALA B 126 12.42 5.79 -3.87
CA ALA B 126 12.29 5.44 -5.30
C ALA B 126 12.98 6.51 -6.15
N SER B 127 12.77 7.77 -5.82
CA SER B 127 13.41 8.81 -6.60
C SER B 127 14.93 8.68 -6.54
N LEU B 128 15.49 7.83 -5.68
CA LEU B 128 16.99 7.78 -5.68
C LEU B 128 17.51 6.49 -6.29
N MET B 129 16.56 5.64 -6.69
CA MET B 129 16.87 4.38 -7.27
C MET B 129 16.70 4.26 -8.72
N ASN B 130 17.55 3.43 -9.30
CA ASN B 130 17.24 2.83 -10.57
C ASN B 130 17.23 1.36 -10.30
N LYS B 131 17.08 0.56 -11.34
CA LYS B 131 16.79 -0.86 -11.14
C LYS B 131 18.08 -1.54 -10.73
N ASP B 132 19.18 -0.80 -10.89
CA ASP B 132 20.54 -1.30 -10.65
C ASP B 132 21.20 -0.95 -9.28
N GLY B 133 20.73 0.13 -8.62
CA GLY B 133 21.24 0.63 -7.34
C GLY B 133 20.45 1.78 -6.67
N VAL B 134 20.81 2.14 -5.45
CA VAL B 134 20.33 3.36 -4.84
C VAL B 134 21.52 4.34 -4.64
N LEU B 135 21.24 5.63 -4.63
CA LEU B 135 22.16 6.72 -4.37
C LEU B 135 22.08 7.04 -2.87
N ILE B 136 23.25 7.21 -2.27
CA ILE B 136 23.35 7.24 -0.83
C ILE B 136 24.19 8.45 -0.49
N SER B 137 24.11 8.91 0.75
CA SER B 137 24.89 10.07 1.23
C SER B 137 24.79 11.31 0.32
N GLU B 138 23.59 11.88 0.26
CA GLU B 138 23.32 13.07 -0.54
C GLU B 138 24.04 12.94 -1.90
N GLY B 139 23.83 11.80 -2.57
CA GLY B 139 24.33 11.65 -3.95
C GLY B 139 25.78 11.23 -4.16
N GLN B 140 26.57 11.14 -3.08
CA GLN B 140 28.04 10.92 -3.19
C GLN B 140 28.45 9.51 -3.51
N GLY B 141 27.55 8.56 -3.39
CA GLY B 141 27.93 7.18 -3.57
C GLY B 141 26.74 6.48 -4.12
N PHE B 142 26.89 5.24 -4.54
CA PHE B 142 25.84 4.58 -5.27
C PHE B 142 26.02 3.13 -5.00
N MET B 143 25.06 2.56 -4.27
CA MET B 143 25.18 1.19 -3.82
C MET B 143 24.46 0.31 -4.79
N THR B 144 25.17 -0.52 -5.56
CA THR B 144 24.43 -1.39 -6.50
C THR B 144 23.46 -2.34 -5.80
N ARG B 145 22.35 -2.67 -6.46
CA ARG B 145 21.34 -3.54 -5.93
C ARG B 145 21.90 -4.93 -5.65
N GLU B 146 22.69 -5.42 -6.58
CA GLU B 146 23.51 -6.62 -6.42
C GLU B 146 24.32 -6.65 -5.12
N PHE B 147 25.14 -5.63 -4.89
CA PHE B 147 25.94 -5.73 -3.70
C PHE B 147 24.98 -5.86 -2.51
N LEU B 148 23.78 -5.29 -2.61
CA LEU B 148 22.89 -5.35 -1.48
C LEU B 148 22.28 -6.73 -1.32
N LYS B 149 21.90 -7.42 -2.41
CA LYS B 149 21.38 -8.83 -2.35
C LYS B 149 22.36 -9.82 -1.71
N SER B 150 23.65 -9.60 -1.97
CA SER B 150 24.76 -10.39 -1.42
C SER B 150 25.06 -10.22 0.07
N LEU B 151 24.39 -9.29 0.75
CA LEU B 151 24.64 -9.15 2.18
C LEU B 151 23.98 -10.35 2.82
N ARG B 152 24.55 -10.86 3.91
CA ARG B 152 24.03 -12.07 4.53
C ARG B 152 22.66 -11.84 5.18
N LYS B 153 21.76 -12.83 5.03
CA LYS B 153 20.45 -12.82 5.68
C LYS B 153 20.55 -12.33 7.12
N PRO B 154 19.55 -11.54 7.58
CA PRO B 154 18.42 -11.00 6.84
C PRO B 154 18.70 -9.68 6.12
N PHE B 155 19.91 -9.19 6.18
CA PHE B 155 20.22 -7.89 5.61
C PHE B 155 20.13 -7.82 4.07
N GLY B 156 20.59 -8.85 3.38
CA GLY B 156 20.37 -8.96 1.95
C GLY B 156 18.91 -8.95 1.54
N ASP B 157 17.99 -8.97 2.49
CA ASP B 157 16.58 -8.93 2.13
C ASP B 157 15.94 -7.53 2.27
N PHE B 158 16.60 -6.58 2.91
CA PHE B 158 15.93 -5.36 3.23
C PHE B 158 15.48 -4.55 2.05
N MET B 159 16.38 -4.38 1.07
CA MET B 159 16.24 -3.39 0.03
C MET B 159 15.62 -3.94 -1.23
N GLU B 160 15.83 -5.21 -1.56
CA GLU B 160 15.28 -5.74 -2.82
C GLU B 160 13.76 -5.54 -3.00
N PRO B 161 12.97 -5.61 -1.94
CA PRO B 161 11.55 -5.31 -2.18
C PRO B 161 11.32 -3.81 -2.49
N LYS B 162 12.30 -2.99 -2.17
CA LYS B 162 12.24 -1.55 -2.31
C LYS B 162 12.44 -1.29 -3.74
N PHE B 163 13.55 -1.83 -4.29
CA PHE B 163 13.92 -1.61 -5.69
C PHE B 163 12.84 -2.10 -6.66
N GLU B 164 12.14 -3.16 -6.26
CA GLU B 164 11.11 -3.80 -7.09
C GLU B 164 9.89 -2.86 -7.16
N PHE B 165 9.47 -2.37 -5.98
CA PHE B 165 8.48 -1.27 -5.94
C PHE B 165 8.89 -0.01 -6.69
N ALA B 166 10.10 0.45 -6.47
CA ALA B 166 10.51 1.68 -7.08
C ALA B 166 10.55 1.64 -8.59
N VAL B 167 10.67 0.45 -9.16
CA VAL B 167 11.03 0.38 -10.57
C VAL B 167 9.66 0.54 -11.16
N LYS B 168 8.64 0.09 -10.42
CA LYS B 168 7.26 0.22 -10.94
C LYS B 168 6.83 1.68 -10.67
N PHE B 169 6.95 2.09 -9.43
CA PHE B 169 6.64 3.46 -9.12
C PHE B 169 7.26 4.43 -10.12
N ASN B 170 8.48 4.20 -10.57
CA ASN B 170 9.25 5.27 -11.22
C ASN B 170 8.77 5.40 -12.62
N ALA B 171 8.02 4.40 -13.03
CA ALA B 171 7.44 4.34 -14.35
C ALA B 171 6.24 5.33 -14.53
N LEU B 172 5.68 5.84 -13.42
CA LEU B 172 4.65 6.89 -13.45
C LEU B 172 5.28 8.25 -13.73
N GLU B 173 6.58 8.32 -13.56
CA GLU B 173 7.21 9.49 -14.02
C GLU B 173 6.70 10.69 -13.31
N LEU B 174 6.50 10.60 -12.01
CA LEU B 174 6.10 11.75 -11.24
C LEU B 174 7.34 12.69 -10.98
N ASP B 175 7.20 14.01 -10.91
CA ASP B 175 8.31 14.93 -10.51
C ASP B 175 8.08 15.40 -9.11
N ASP B 176 8.91 16.32 -8.64
CA ASP B 176 8.80 16.70 -7.21
C ASP B 176 7.53 17.47 -6.90
N SER B 177 6.95 18.11 -7.89
CA SER B 177 5.76 18.89 -7.73
C SER B 177 4.62 17.93 -7.43
N ASP B 178 4.56 16.84 -8.18
CA ASP B 178 3.54 15.76 -7.99
C ASP B 178 3.78 15.04 -6.61
N LEU B 179 5.02 14.68 -6.35
CA LEU B 179 5.39 13.95 -5.07
C LEU B 179 5.01 14.65 -3.84
N ALA B 180 5.00 15.94 -3.88
CA ALA B 180 4.79 16.75 -2.69
C ALA B 180 3.33 16.73 -2.25
N ILE B 181 2.39 16.70 -3.21
CA ILE B 181 0.99 16.47 -2.79
C ILE B 181 0.72 15.00 -2.41
N PHE B 182 1.26 14.06 -3.17
CA PHE B 182 0.98 12.62 -2.89
C PHE B 182 1.40 12.24 -1.47
N ILE B 183 2.57 12.73 -1.07
CA ILE B 183 3.17 12.51 0.19
C ILE B 183 2.32 13.06 1.25
N ALA B 184 1.88 14.30 1.05
CA ALA B 184 0.97 14.92 1.96
C ALA B 184 -0.32 14.05 2.06
N VAL B 185 -0.79 13.50 0.95
CA VAL B 185 -2.02 12.68 0.90
C VAL B 185 -1.80 11.45 1.79
N ILE B 186 -0.64 10.82 1.70
CA ILE B 186 -0.27 9.71 2.55
C ILE B 186 -0.30 9.93 4.05
N ILE B 187 0.29 11.03 4.51
CA ILE B 187 0.19 11.42 5.91
C ILE B 187 -1.22 11.64 6.53
N LEU B 188 -2.14 12.17 5.76
CA LEU B 188 -3.44 12.48 6.24
C LEU B 188 -4.27 11.20 5.89
N SER B 189 -3.82 10.06 6.33
CA SER B 189 -4.62 8.83 6.04
C SER B 189 -5.55 8.55 7.20
N GLY B 190 -6.85 8.47 6.91
CA GLY B 190 -7.91 8.35 7.90
C GLY B 190 -8.03 6.97 8.44
N ASP B 191 -7.20 6.08 7.91
CA ASP B 191 -7.35 4.68 8.24
C ASP B 191 -6.19 4.15 9.05
N ARG B 192 -5.48 5.02 9.75
CA ARG B 192 -4.41 4.56 10.62
C ARG B 192 -5.05 4.01 11.87
N PRO B 193 -4.47 2.96 12.48
CA PRO B 193 -5.16 2.49 13.72
C PRO B 193 -5.07 3.43 14.88
N GLY B 194 -6.21 3.66 15.52
CA GLY B 194 -6.17 4.34 16.79
C GLY B 194 -6.24 5.85 16.65
N LEU B 195 -6.72 6.30 15.50
CA LEU B 195 -7.03 7.69 15.29
C LEU B 195 -8.25 7.99 16.13
N LEU B 196 -8.21 9.16 16.79
CA LEU B 196 -9.28 9.61 17.65
C LEU B 196 -10.30 10.42 16.89
N ASN B 197 -9.84 11.24 15.96
CA ASN B 197 -10.74 12.08 15.16
C ASN B 197 -10.54 11.86 13.66
N VAL B 198 -11.27 10.93 13.08
CA VAL B 198 -11.01 10.55 11.69
C VAL B 198 -11.47 11.62 10.70
N LYS B 199 -12.49 12.38 11.07
CA LYS B 199 -13.18 13.24 10.10
C LYS B 199 -12.35 14.49 9.74
N PRO B 200 -11.77 15.16 10.74
CA PRO B 200 -10.96 16.30 10.34
C PRO B 200 -9.72 15.92 9.50
N ILE B 201 -9.20 14.74 9.69
CA ILE B 201 -8.06 14.24 8.89
C ILE B 201 -8.51 13.93 7.43
N GLU B 202 -9.66 13.26 7.29
CA GLU B 202 -10.24 13.03 5.97
C GLU B 202 -10.68 14.32 5.31
N ASP B 203 -11.12 15.30 6.08
CA ASP B 203 -11.57 16.52 5.47
C ASP B 203 -10.30 17.16 4.82
N ILE B 204 -9.21 17.10 5.52
CA ILE B 204 -7.98 17.63 4.93
C ILE B 204 -7.46 16.80 3.73
N GLN B 205 -7.58 15.49 3.77
CA GLN B 205 -7.03 14.61 2.71
C GLN B 205 -7.84 14.75 1.47
N ASP B 206 -9.16 14.91 1.66
CA ASP B 206 -10.08 15.14 0.47
C ASP B 206 -9.75 16.36 -0.41
N ASN B 207 -9.39 17.43 0.27
CA ASN B 207 -8.87 18.63 -0.38
C ASN B 207 -7.47 18.41 -1.02
N LEU B 208 -6.58 17.72 -0.29
CA LEU B 208 -5.33 17.21 -0.89
C LEU B 208 -5.55 16.39 -2.13
N LEU B 209 -6.47 15.48 -2.05
CA LEU B 209 -6.75 14.59 -3.19
C LEU B 209 -7.19 15.41 -4.38
N GLN B 210 -8.03 16.40 -4.14
CA GLN B 210 -8.52 17.28 -5.19
C GLN B 210 -7.37 18.02 -5.81
N ALA B 211 -6.49 18.50 -4.98
CA ALA B 211 -5.31 19.21 -5.40
C ALA B 211 -4.41 18.29 -6.14
N LEU B 212 -4.47 17.00 -5.79
CA LEU B 212 -3.48 16.08 -6.39
C LEU B 212 -3.95 15.80 -7.79
N GLU B 213 -5.27 15.74 -7.95
CA GLU B 213 -5.83 15.33 -9.20
C GLU B 213 -5.68 16.44 -10.20
N LEU B 214 -5.98 17.64 -9.81
CA LEU B 214 -5.67 18.76 -10.73
C LEU B 214 -4.21 18.88 -11.03
N GLN B 215 -3.34 18.59 -10.11
CA GLN B 215 -1.86 18.67 -10.45
C GLN B 215 -1.40 17.72 -11.54
N LEU B 216 -1.88 16.48 -11.44
CA LEU B 216 -1.56 15.35 -12.32
C LEU B 216 -2.16 15.60 -13.71
N LYS B 217 -3.40 16.04 -13.79
CA LYS B 217 -3.88 16.52 -15.09
C LYS B 217 -3.22 17.81 -15.61
N LEU B 218 -2.97 18.80 -14.79
CA LEU B 218 -2.31 19.99 -15.37
C LEU B 218 -0.94 19.56 -15.83
N ASN B 219 -0.21 18.95 -14.89
CA ASN B 219 1.16 18.59 -15.05
C ASN B 219 1.38 17.41 -16.06
N HIS B 220 0.44 16.46 -16.19
CA HIS B 220 0.64 15.30 -17.06
C HIS B 220 -0.63 15.01 -17.91
N PRO B 221 -0.95 15.91 -18.82
CA PRO B 221 -2.21 15.90 -19.52
C PRO B 221 -2.41 14.60 -20.31
N GLU B 222 -1.33 13.96 -20.78
CA GLU B 222 -1.46 12.83 -21.72
C GLU B 222 -1.49 11.49 -21.04
N SER B 223 -1.50 11.52 -19.74
CA SER B 223 -1.11 10.41 -18.99
C SER B 223 -2.41 10.04 -18.34
N SER B 224 -3.20 9.19 -18.98
CA SER B 224 -4.59 9.05 -18.56
C SER B 224 -4.62 8.16 -17.36
N GLN B 225 -5.60 8.43 -16.49
CA GLN B 225 -5.74 7.79 -15.21
C GLN B 225 -4.48 7.77 -14.32
N LEU B 226 -3.62 8.79 -14.42
CA LEU B 226 -2.42 8.84 -13.59
C LEU B 226 -2.79 8.87 -12.11
N PHE B 227 -3.80 9.66 -11.73
CA PHE B 227 -4.32 9.79 -10.39
C PHE B 227 -4.70 8.41 -9.85
N ALA B 228 -5.54 7.69 -10.58
CA ALA B 228 -5.98 6.40 -10.02
C ALA B 228 -4.82 5.44 -9.88
N LYS B 229 -3.95 5.33 -10.89
CA LYS B 229 -2.76 4.52 -10.81
C LYS B 229 -1.82 4.87 -9.67
N LEU B 230 -1.62 6.16 -9.46
CA LEU B 230 -0.84 6.63 -8.33
C LEU B 230 -1.47 6.25 -6.99
N LEU B 231 -2.79 6.47 -6.84
CA LEU B 231 -3.46 6.04 -5.61
C LEU B 231 -3.34 4.55 -5.37
N GLN B 232 -3.37 3.78 -6.46
CA GLN B 232 -3.21 2.32 -6.40
C GLN B 232 -1.88 1.88 -5.76
N LYS B 233 -0.81 2.51 -6.20
CA LYS B 233 0.51 2.36 -5.56
C LYS B 233 0.47 2.49 -4.04
N MET B 234 -0.51 3.20 -3.51
CA MET B 234 -0.71 3.26 -2.06
C MET B 234 -1.13 1.90 -1.54
N THR B 235 -1.13 0.95 -2.44
CA THR B 235 -1.67 -0.38 -2.21
C THR B 235 -0.49 -1.29 -2.00
N ASP B 236 0.38 -1.37 -2.98
CA ASP B 236 1.63 -2.02 -2.78
C ASP B 236 2.30 -1.53 -1.49
N LEU B 237 2.56 -0.23 -1.47
CA LEU B 237 3.22 0.44 -0.36
C LEU B 237 2.71 -0.04 0.98
N ARG B 238 1.41 0.02 1.17
CA ARG B 238 0.80 -0.52 2.38
C ARG B 238 1.39 -1.93 2.63
N GLN B 239 2.00 -2.52 1.59
CA GLN B 239 2.51 -3.87 1.66
C GLN B 239 3.99 -3.92 1.98
N ILE B 240 4.86 -3.51 1.05
CA ILE B 240 6.29 -3.30 1.32
C ILE B 240 6.52 -2.90 2.75
N VAL B 241 5.64 -2.08 3.30
CA VAL B 241 5.88 -1.65 4.66
C VAL B 241 5.77 -2.83 5.62
N THR B 242 4.74 -3.63 5.42
CA THR B 242 4.48 -4.82 6.26
C THR B 242 5.58 -5.85 6.14
N GLU B 243 6.01 -6.20 4.94
CA GLU B 243 7.16 -7.07 4.86
C GLU B 243 8.42 -6.40 5.36
N HIS B 244 8.30 -5.13 5.72
CA HIS B 244 9.47 -4.44 6.17
C HIS B 244 9.51 -4.47 7.69
N VAL B 245 8.34 -4.30 8.31
CA VAL B 245 8.21 -4.40 9.75
C VAL B 245 8.55 -5.84 10.25
N GLN B 246 8.16 -6.85 9.48
CA GLN B 246 8.51 -8.19 9.89
C GLN B 246 9.98 -8.37 9.83
N LEU B 247 10.55 -7.96 8.72
CA LEU B 247 11.97 -8.06 8.52
C LEU B 247 12.67 -7.39 9.69
N LEU B 248 12.05 -6.35 10.25
CA LEU B 248 12.65 -5.68 11.40
C LEU B 248 12.57 -6.56 12.65
N GLN B 249 11.47 -7.29 12.80
CA GLN B 249 11.31 -8.26 13.88
C GLN B 249 12.33 -9.35 13.75
N VAL B 250 12.56 -9.84 12.54
CA VAL B 250 13.56 -10.89 12.33
C VAL B 250 14.98 -10.44 12.64
N ILE B 251 15.27 -9.16 12.48
CA ILE B 251 16.55 -8.61 12.92
C ILE B 251 16.62 -8.66 14.47
N LYS B 252 15.52 -8.30 15.10
CA LYS B 252 15.45 -8.24 16.54
C LYS B 252 15.46 -9.63 17.15
N LYS B 253 14.69 -10.54 16.56
CA LYS B 253 14.72 -11.93 17.01
C LYS B 253 16.12 -12.54 16.85
N THR B 254 16.78 -12.25 15.74
CA THR B 254 18.02 -12.96 15.43
C THR B 254 19.32 -12.16 15.62
N GLU B 255 19.23 -10.89 16.00
CA GLU B 255 20.43 -10.08 15.95
C GLU B 255 20.71 -9.25 17.17
N THR B 256 21.48 -9.86 18.07
CA THR B 256 22.32 -9.15 19.04
C THR B 256 21.64 -8.13 19.93
N ASP B 257 22.51 -7.20 20.29
CA ASP B 257 22.26 -6.16 21.26
C ASP B 257 22.07 -4.90 20.48
N MET B 258 21.99 -5.03 19.16
CA MET B 258 22.10 -3.90 18.25
C MET B 258 21.45 -2.69 18.85
N SER B 259 22.12 -1.56 18.68
CA SER B 259 21.57 -0.29 19.09
C SER B 259 20.34 -0.06 18.23
N LEU B 260 19.22 0.35 18.84
CA LEU B 260 18.10 0.86 18.05
C LEU B 260 17.78 2.25 18.51
N HIS B 261 17.91 3.24 17.64
CA HIS B 261 17.62 4.63 18.01
C HIS B 261 16.32 4.81 18.80
N PRO B 262 16.32 5.68 19.80
CA PRO B 262 15.07 5.89 20.55
C PRO B 262 13.88 6.32 19.66
N LEU B 263 14.12 7.24 18.73
CA LEU B 263 13.09 7.79 17.88
C LEU B 263 12.49 6.65 17.14
N LEU B 264 13.32 5.78 16.59
CA LEU B 264 12.79 4.61 15.84
C LEU B 264 12.11 3.62 16.77
N GLN B 265 12.63 3.44 17.97
CA GLN B 265 11.88 2.71 18.98
C GLN B 265 10.39 3.18 19.08
N GLU B 266 10.20 4.50 19.22
CA GLU B 266 8.86 5.06 19.41
C GLU B 266 7.96 4.79 18.26
N ILE B 267 8.50 4.87 17.04
CA ILE B 267 7.70 4.57 15.86
C ILE B 267 7.35 3.10 15.79
N TYR B 268 8.31 2.25 16.18
CA TYR B 268 8.12 0.80 16.20
C TYR B 268 7.33 0.30 17.40
N LYS B 269 7.59 0.86 18.57
CA LYS B 269 6.79 0.46 19.72
C LYS B 269 5.35 0.22 19.26
N ASP B 270 4.87 -1.01 19.45
CA ASP B 270 3.44 -1.35 19.22
C ASP B 270 2.82 -1.05 17.85
N LEU B 271 3.63 -0.69 16.85
CA LEU B 271 3.14 -0.61 15.48
C LEU B 271 3.25 -1.99 14.86
N TYR B 272 2.14 -2.47 14.32
CA TYR B 272 2.07 -3.84 13.83
C TYR B 272 1.37 -3.91 12.46
N THR C 1 -9.44 -28.42 -7.30
CA THR C 1 -8.72 -28.81 -6.05
C THR C 1 -7.24 -29.11 -6.32
N SER C 2 -6.97 -29.65 -7.52
CA SER C 2 -5.61 -29.94 -8.00
C SER C 2 -5.64 -29.69 -9.50
N HIS C 3 -4.94 -28.64 -9.97
CA HIS C 3 -5.16 -28.10 -11.32
C HIS C 3 -6.67 -27.93 -11.53
N LYS C 4 -7.23 -28.54 -12.58
CA LYS C 4 -8.69 -28.62 -12.80
C LYS C 4 -9.37 -27.29 -13.13
N LEU C 5 -8.57 -26.24 -13.25
CA LEU C 5 -9.12 -24.94 -13.59
C LEU C 5 -8.66 -24.52 -14.97
N VAL C 6 -9.24 -25.16 -15.97
CA VAL C 6 -9.15 -24.74 -17.36
C VAL C 6 -10.48 -25.06 -18.01
N GLN C 7 -11.26 -25.92 -17.35
CA GLN C 7 -12.63 -26.21 -17.77
C GLN C 7 -13.57 -25.61 -16.74
N LEU C 8 -13.10 -25.55 -15.48
CA LEU C 8 -13.81 -24.85 -14.44
C LEU C 8 -13.84 -23.45 -14.97
N LEU C 9 -12.88 -23.18 -15.86
CA LEU C 9 -12.92 -21.99 -16.71
C LEU C 9 -13.38 -22.34 -18.16
N THR C 10 -12.44 -22.63 -19.06
CA THR C 10 -12.75 -22.78 -20.51
C THR C 10 -13.53 -24.06 -20.89
N THR C 11 -14.85 -23.99 -20.68
CA THR C 11 -15.74 -25.11 -20.99
C THR C 11 -15.66 -25.52 -22.46
N THR D 1 3.47 8.80 25.74
CA THR D 1 4.83 8.24 25.70
C THR D 1 5.49 8.97 24.58
N SER D 2 5.87 8.22 23.58
CA SER D 2 6.10 8.81 22.26
C SER D 2 6.56 10.27 22.29
N HIS D 3 7.38 10.58 23.28
CA HIS D 3 7.80 11.88 23.61
C HIS D 3 8.70 12.45 22.56
N LYS D 4 9.45 11.59 21.87
CA LYS D 4 10.40 12.17 20.94
C LYS D 4 9.65 12.72 19.72
N LEU D 5 8.63 12.00 19.22
CA LEU D 5 7.74 12.51 18.19
C LEU D 5 6.97 13.80 18.57
N VAL D 6 6.37 13.81 19.77
CA VAL D 6 5.68 14.99 20.28
C VAL D 6 6.68 16.13 20.29
N GLN D 7 7.93 15.81 20.56
CA GLN D 7 8.99 16.81 20.64
C GLN D 7 9.22 17.41 19.28
N LEU D 8 9.39 16.60 18.26
CA LEU D 8 9.61 17.22 16.98
C LEU D 8 8.35 17.98 16.53
N LEU D 9 7.21 17.31 16.62
CA LEU D 9 5.91 17.88 16.30
C LEU D 9 5.69 19.26 16.97
N THR D 10 6.26 19.55 18.13
CA THR D 10 5.94 20.86 18.76
C THR D 10 7.07 21.90 18.70
N THR D 11 8.20 21.57 18.10
CA THR D 11 9.26 22.57 18.00
C THR D 11 8.98 23.56 16.88
N THR D 12 9.43 24.80 17.05
CA THR D 12 9.07 25.87 16.16
C THR D 12 10.33 26.54 15.69
O53 9RA E . -18.69 -14.95 2.27
C51 9RA E . -18.20 -15.46 3.30
O52 9RA E . -18.93 -16.04 4.11
C11 9RA E . -16.73 -15.35 3.59
C10 9RA E . -16.29 -15.52 4.91
C12 9RA E . -15.81 -15.06 2.57
C13 9RA E . -14.45 -14.95 2.86
C14 9RA E . -14.01 -15.14 4.17
C9 9RA E . -14.93 -15.42 5.18
C47 9RA E . -12.56 -15.00 4.48
C48 9RA E . -11.75 -14.59 3.52
C4 9RA E . -12.03 -15.29 5.87
C3 9RA E . -11.15 -16.46 6.09
C43 9RA E . -10.85 -17.39 4.95
C2 9RA E . -10.62 -16.69 7.36
C5 9RA E . -12.30 -14.42 6.94
C6 9RA E . -11.77 -14.63 8.21
C19 9RA E . -12.10 -13.70 9.36
C27 9RA E . -13.60 -13.74 9.61
C31 9RA E . -11.64 -12.27 9.02
C20 9RA E . -11.41 -14.12 10.64
C21 9RA E . -11.23 -15.59 10.87
C22 9RA E . -10.31 -16.09 9.78
C1 9RA E . -10.90 -15.83 8.42
C39 9RA E . -9.01 -15.31 9.87
C35 9RA E . -10.05 -17.59 9.93
C2 D30 F . 17.69 7.72 2.35
C3 D30 F . 18.86 5.88 1.34
C6 D30 F . 16.67 8.32 3.29
C7 D30 F . 21.44 0.45 1.27
C9 D30 F . 16.10 5.94 4.02
C10 D30 F . 19.35 8.14 0.63
C20 D30 F . 22.08 4.68 3.89
C21 D30 F . 20.18 -1.64 4.52
C26 D30 F . 26.40 2.72 4.20
C27 D30 F . 27.30 2.36 3.21
C28 D30 F . 26.79 2.65 5.54
C29 D30 F . 28.59 1.95 3.55
C30 D30 F . 28.05 2.23 5.90
C31 D30 F . 28.97 1.88 4.90
C32 D30 F . 30.34 1.40 5.28
O21 D30 F . 20.90 11.66 0.22
C17 D30 F . 20.24 11.14 1.09
O22 D30 F . 20.77 10.85 2.18
C14 D30 F . 18.78 10.93 0.76
O11 D30 F . 18.17 9.97 1.64
C5 D30 F . 18.39 8.60 1.53
C8 D30 F . 19.59 6.78 0.53
C12 D30 F . 16.37 7.38 4.44
C4 D30 F . 17.18 5.34 3.13
C1 D30 F . 17.92 6.35 2.26
S7 D30 F . 19.20 4.23 1.19
C13 D30 F . 20.56 3.96 2.20
C16 D30 F . 20.98 4.93 3.09
C15 D30 F . 21.23 2.73 2.18
O1 D30 F . 20.83 1.75 1.31
C11 D30 F . 21.07 -0.23 2.50
C19 D30 F . 20.71 -0.80 3.46
C22 D30 F . 20.87 -3.01 4.46
C18 D30 F . 22.35 2.50 2.98
C23 D30 F . 22.76 3.47 3.85
C24 D30 F . 23.98 3.21 4.74
O25 D30 F . 25.12 3.14 3.87
F35 D30 F . 31.22 2.01 4.53
F33 D30 F . 30.46 0.09 5.08
F34 D30 F . 30.56 1.65 6.56
#